data_6INL
#
_entry.id   6INL
#
_cell.length_a   53.645
_cell.length_b   71.994
_cell.length_c   72.075
_cell.angle_alpha   90.00
_cell.angle_beta   90.00
_cell.angle_gamma   90.00
#
_symmetry.space_group_name_H-M   'P 21 21 21'
#
loop_
_entity.id
_entity.type
_entity.pdbx_description
1 polymer 'Cyclin-dependent kinase 2'
2 non-polymer "2,2'-{[6-{[(4-methoxyphenyl)methyl]amino}-9-(propan-2-yl)-9H-purin-2-yl]azanediyl}di(ethan-1-ol)"
3 water water
#
_entity_poly.entity_id   1
_entity_poly.type   'polypeptide(L)'
_entity_poly.pdbx_seq_one_letter_code
;SMENFQKVEKIGEGTYGVVYKARNKLTGEVVALKKIRLDTETEGVPSTAIREISLLKELNHPNIVKLLDVIHTENKLYLV
FEFLHQDLKKFMDASALTGIPLPLIKSYLFQLLQGLAFCHSHRVLHRDLKPQNLLINTEGAIKLADFGLARAFGVPVRTY
THEVVTLWYRAPEILLGCKYYSTAVDIWSLGCIFAEMVTRRALFPGDSEIDQLFRIFRTLGTPDEVVWPGVTSMPDYKPS
FPKWARQDFSKVVPPLDEDGRSLLSQMLHYDPNKRISAKAALAHPFFQDVTKPVPHLRL
;
_entity_poly.pdbx_strand_id   A
#
loop_
_chem_comp.id
_chem_comp.type
_chem_comp.name
_chem_comp.formula
AJR non-polymer 2,2'-{[6-{[(4-methoxyphenyl)methyl]amino}-9-(propan-2-yl)-9H-purin-2-yl]azanediyl}di(ethan-1-ol) 'C20 H28 N6 O3'
#
# COMPACT_ATOMS: atom_id res chain seq x y z
N MET A 2 -17.58 23.80 -0.27
CA MET A 2 -18.47 22.93 -1.09
C MET A 2 -19.21 23.69 -2.20
N GLU A 3 -19.48 24.97 -2.05
CA GLU A 3 -20.26 25.65 -3.09
C GLU A 3 -19.47 25.90 -4.36
N ASN A 4 -18.14 25.87 -4.23
CA ASN A 4 -17.26 26.03 -5.34
C ASN A 4 -17.12 24.71 -6.14
N PHE A 5 -17.73 23.64 -5.65
CA PHE A 5 -17.64 22.31 -6.30
C PHE A 5 -18.99 21.67 -6.57
N GLN A 6 -19.19 21.09 -7.76
CA GLN A 6 -20.40 20.26 -8.04
C GLN A 6 -19.98 18.80 -7.95
N LYS A 7 -20.61 18.03 -7.06
CA LYS A 7 -20.44 16.59 -7.01
C LYS A 7 -20.91 16.07 -8.35
N VAL A 8 -20.13 15.16 -8.94
CA VAL A 8 -20.63 14.34 -10.05
C VAL A 8 -21.08 12.94 -9.59
N GLU A 9 -20.27 12.25 -8.77
CA GLU A 9 -20.65 10.96 -8.20
C GLU A 9 -19.82 10.59 -7.01
N LYS A 10 -20.39 9.78 -6.13
CA LYS A 10 -19.66 9.17 -5.04
C LYS A 10 -18.75 8.18 -5.68
N ILE A 11 -17.48 8.20 -5.34
CA ILE A 11 -16.66 7.12 -5.83
C ILE A 11 -16.16 6.14 -4.82
N GLY A 12 -16.37 6.42 -3.54
CA GLY A 12 -15.73 5.61 -2.52
C GLY A 12 -16.10 6.09 -1.14
N GLU A 13 -15.94 5.18 -0.18
CA GLU A 13 -15.80 5.56 1.20
C GLU A 13 -14.43 5.07 1.65
N GLY A 14 -13.44 5.99 1.57
CA GLY A 14 -12.12 5.83 2.16
C GLY A 14 -12.25 5.79 3.69
N THR A 15 -11.17 5.46 4.38
CA THR A 15 -11.20 5.25 5.84
C THR A 15 -11.68 6.49 6.61
N TYR A 16 -11.19 7.67 6.18
CA TYR A 16 -11.45 8.93 6.85
C TYR A 16 -12.72 9.67 6.37
N GLY A 17 -13.42 9.13 5.36
CA GLY A 17 -14.74 9.63 4.97
C GLY A 17 -15.07 9.42 3.50
N VAL A 18 -16.16 10.00 3.07
CA VAL A 18 -16.72 9.73 1.76
C VAL A 18 -15.92 10.48 0.68
N VAL A 19 -15.70 9.84 -0.47
CA VAL A 19 -14.94 10.48 -1.57
C VAL A 19 -15.84 10.68 -2.79
N TYR A 20 -15.90 11.93 -3.32
CA TYR A 20 -16.71 12.23 -4.49
C TYR A 20 -15.84 12.66 -5.67
N LYS A 21 -16.22 12.27 -6.87
CA LYS A 21 -15.66 12.95 -8.04
C LYS A 21 -16.45 14.27 -8.10
N ALA A 22 -15.75 15.35 -8.36
CA ALA A 22 -16.38 16.69 -8.40
C ALA A 22 -15.71 17.60 -9.40
N ARG A 23 -16.41 18.66 -9.80
CA ARG A 23 -15.86 19.64 -10.76
C ARG A 23 -15.75 21.00 -10.05
N ASN A 24 -14.60 21.65 -10.18
CA ASN A 24 -14.43 23.01 -9.67
C ASN A 24 -15.21 24.03 -10.53
N LYS A 25 -16.22 24.66 -9.90
CA LYS A 25 -17.16 25.59 -10.58
C LYS A 25 -16.46 26.72 -11.30
N LEU A 26 -15.35 27.23 -10.75
CA LEU A 26 -14.50 28.20 -11.46
C LEU A 26 -13.49 27.57 -12.46
N THR A 27 -12.48 26.84 -11.94
CA THR A 27 -11.33 26.33 -12.74
C THR A 27 -11.70 25.34 -13.87
N GLY A 28 -12.92 24.79 -13.80
CA GLY A 28 -13.39 23.67 -14.62
C GLY A 28 -12.69 22.33 -14.31
N GLU A 29 -11.78 22.37 -13.35
CA GLU A 29 -10.95 21.18 -12.97
C GLU A 29 -11.85 20.07 -12.39
N VAL A 30 -11.57 18.80 -12.75
CA VAL A 30 -12.23 17.64 -12.22
C VAL A 30 -11.26 17.12 -11.14
N VAL A 31 -11.79 16.90 -9.95
CA VAL A 31 -11.00 16.57 -8.76
C VAL A 31 -11.69 15.46 -7.98
N ALA A 32 -10.99 14.96 -6.95
CA ALA A 32 -11.64 14.03 -6.03
C ALA A 32 -11.70 14.78 -4.69
N LEU A 33 -12.89 14.78 -4.10
CA LEU A 33 -13.16 15.55 -2.83
C LEU A 33 -13.42 14.56 -1.76
N LYS A 34 -12.60 14.58 -0.74
CA LYS A 34 -12.84 13.71 0.40
C LYS A 34 -13.41 14.53 1.55
N LYS A 35 -14.53 14.11 2.11
CA LYS A 35 -15.13 14.85 3.21
C LYS A 35 -14.87 14.05 4.46
N ILE A 36 -14.22 14.65 5.44
CA ILE A 36 -13.90 13.93 6.68
C ILE A 36 -14.78 14.35 7.84
N THR A 48 -4.11 20.13 15.69
CA THR A 48 -3.04 19.18 15.36
C THR A 48 -3.22 18.61 13.97
N ALA A 49 -4.45 18.19 13.66
CA ALA A 49 -4.78 17.59 12.38
C ALA A 49 -4.65 18.67 11.29
N ILE A 50 -5.16 19.88 11.53
CA ILE A 50 -4.91 21.00 10.54
C ILE A 50 -3.42 21.17 10.15
N ARG A 51 -2.53 21.15 11.15
CA ARG A 51 -1.14 21.47 10.85
C ARG A 51 -0.45 20.33 10.11
N GLU A 52 -0.78 19.08 10.50
CA GLU A 52 -0.22 17.88 9.85
C GLU A 52 -0.69 17.78 8.41
N ILE A 53 -1.97 18.03 8.22
CA ILE A 53 -2.54 17.91 6.88
C ILE A 53 -1.91 18.97 5.97
N SER A 54 -1.82 20.21 6.45
CA SER A 54 -1.15 21.31 5.72
C SER A 54 0.29 20.98 5.27
N LEU A 55 1.05 20.24 6.10
CA LEU A 55 2.38 19.74 5.78
C LEU A 55 2.31 18.73 4.62
N LEU A 56 1.23 17.94 4.55
CA LEU A 56 1.09 17.04 3.38
C LEU A 56 0.98 17.70 2.03
N LYS A 57 0.49 18.95 2.01
CA LYS A 57 0.31 19.72 0.77
C LYS A 57 1.67 19.98 0.12
N GLU A 58 2.75 19.92 0.93
CA GLU A 58 4.10 20.12 0.42
C GLU A 58 4.77 18.85 -0.12
N LEU A 59 4.29 17.68 0.26
CA LEU A 59 4.91 16.41 -0.04
C LEU A 59 4.48 15.99 -1.46
N ASN A 60 5.08 16.62 -2.47
CA ASN A 60 4.74 16.40 -3.87
C ASN A 60 5.74 15.52 -4.62
N HIS A 61 5.18 14.48 -5.26
CA HIS A 61 6.00 13.48 -5.99
C HIS A 61 5.12 12.89 -7.07
N PRO A 62 5.69 12.51 -8.23
CA PRO A 62 4.92 11.96 -9.33
C PRO A 62 4.17 10.63 -9.01
N ASN A 63 4.62 9.94 -8.00
CA ASN A 63 3.92 8.76 -7.54
C ASN A 63 3.13 8.92 -6.29
N ILE A 64 2.81 10.19 -5.93
CA ILE A 64 1.95 10.43 -4.80
C ILE A 64 0.77 11.24 -5.31
N VAL A 65 -0.44 10.81 -5.00
CA VAL A 65 -1.61 11.59 -5.43
C VAL A 65 -1.56 13.06 -4.89
N LYS A 66 -1.62 14.03 -5.79
CA LYS A 66 -1.45 15.41 -5.29
C LYS A 66 -2.61 15.90 -4.43
N LEU A 67 -2.26 16.46 -3.29
CA LEU A 67 -3.29 17.09 -2.45
C LEU A 67 -3.32 18.55 -2.88
N LEU A 68 -4.44 18.97 -3.45
CA LEU A 68 -4.52 20.28 -4.10
C LEU A 68 -4.83 21.37 -3.08
N ASP A 69 -5.65 21.04 -2.09
CA ASP A 69 -6.20 22.05 -1.14
C ASP A 69 -6.79 21.39 0.08
N VAL A 70 -6.74 22.10 1.21
CA VAL A 70 -7.30 21.63 2.46
C VAL A 70 -8.29 22.77 2.79
N ILE A 71 -9.57 22.42 2.92
CA ILE A 71 -10.67 23.37 3.24
C ILE A 71 -11.25 23.00 4.62
N HIS A 72 -10.95 23.83 5.62
CA HIS A 72 -11.53 23.66 6.96
C HIS A 72 -12.72 24.58 7.07
N THR A 73 -13.84 24.01 7.50
CA THR A 73 -15.07 24.78 7.70
C THR A 73 -16.16 23.98 8.41
N GLU A 74 -16.78 24.59 9.43
CA GLU A 74 -18.04 24.10 10.01
C GLU A 74 -18.05 22.62 10.44
N ASN A 75 -17.11 22.22 11.30
CA ASN A 75 -16.95 20.79 11.77
C ASN A 75 -16.65 19.78 10.63
N LYS A 76 -16.34 20.33 9.45
CA LYS A 76 -16.00 19.57 8.26
C LYS A 76 -14.58 19.95 7.77
N LEU A 77 -13.84 18.92 7.40
CA LEU A 77 -12.56 19.13 6.75
C LEU A 77 -12.75 18.50 5.38
N TYR A 78 -12.52 19.26 4.32
CA TYR A 78 -12.55 18.64 2.95
C TYR A 78 -11.14 18.60 2.43
N LEU A 79 -10.78 17.51 1.72
CA LEU A 79 -9.47 17.50 1.13
C LEU A 79 -9.71 17.37 -0.37
N VAL A 80 -9.01 18.18 -1.17
CA VAL A 80 -9.26 18.22 -2.63
C VAL A 80 -8.01 17.61 -3.22
N PHE A 81 -8.19 16.52 -3.99
CA PHE A 81 -7.06 15.76 -4.53
C PHE A 81 -7.16 15.80 -6.05
N GLU A 82 -6.02 15.67 -6.72
CA GLU A 82 -6.11 15.27 -8.14
C GLU A 82 -6.92 13.96 -8.29
N PHE A 83 -7.62 13.83 -9.40
CA PHE A 83 -8.47 12.71 -9.65
C PHE A 83 -7.75 11.72 -10.58
N LEU A 84 -7.75 10.44 -10.21
CA LEU A 84 -7.32 9.36 -11.12
C LEU A 84 -8.47 8.48 -11.56
N HIS A 85 -8.41 7.81 -12.75
CA HIS A 85 -9.61 7.13 -13.21
C HIS A 85 -9.85 5.74 -12.77
N GLN A 86 -8.83 5.12 -12.12
CA GLN A 86 -9.07 3.75 -11.67
C GLN A 86 -8.18 3.42 -10.52
N ASP A 87 -8.66 2.46 -9.70
CA ASP A 87 -7.76 2.03 -8.59
C ASP A 87 -7.27 0.60 -8.90
N LEU A 88 -6.21 0.21 -8.20
CA LEU A 88 -5.55 -1.06 -8.53
C LEU A 88 -6.42 -2.23 -8.20
N LYS A 89 -7.23 -2.13 -7.15
CA LYS A 89 -8.16 -3.23 -6.82
C LYS A 89 -9.06 -3.52 -8.02
N LYS A 90 -9.65 -2.45 -8.58
CA LYS A 90 -10.55 -2.68 -9.76
C LYS A 90 -9.78 -3.26 -10.96
N PHE A 91 -8.57 -2.77 -11.21
CA PHE A 91 -7.74 -3.21 -12.31
C PHE A 91 -7.37 -4.67 -12.09
N MET A 92 -6.97 -5.01 -10.85
CA MET A 92 -6.66 -6.44 -10.54
C MET A 92 -7.86 -7.35 -10.81
N ASP A 93 -9.04 -6.85 -10.49
CA ASP A 93 -10.29 -7.68 -10.64
C ASP A 93 -10.56 -7.82 -12.12
N ALA A 94 -10.39 -6.73 -12.88
CA ALA A 94 -10.46 -6.67 -14.38
C ALA A 94 -9.47 -7.54 -15.14
N SER A 95 -8.33 -7.84 -14.51
CA SER A 95 -7.23 -8.52 -15.18
C SER A 95 -7.10 -9.96 -14.65
N ALA A 96 -8.07 -10.42 -13.88
CA ALA A 96 -7.95 -11.68 -13.14
C ALA A 96 -7.93 -12.94 -14.02
N LEU A 97 -8.45 -12.86 -15.24
CA LEU A 97 -8.57 -14.08 -16.07
C LEU A 97 -7.26 -14.35 -16.72
N THR A 98 -6.55 -13.27 -16.99
CA THR A 98 -5.35 -13.28 -17.74
C THR A 98 -4.13 -13.02 -16.87
N GLY A 99 -4.33 -12.27 -15.81
CA GLY A 99 -3.22 -11.77 -14.99
C GLY A 99 -2.66 -10.47 -15.55
N ILE A 100 -2.23 -9.60 -14.68
CA ILE A 100 -1.42 -8.42 -15.10
C ILE A 100 -0.09 -8.89 -15.63
N PRO A 101 0.30 -8.47 -16.84
CA PRO A 101 1.60 -8.84 -17.44
C PRO A 101 2.75 -8.54 -16.48
N LEU A 102 3.73 -9.45 -16.36
CA LEU A 102 4.88 -9.19 -15.45
C LEU A 102 5.58 -7.84 -15.65
N PRO A 103 5.85 -7.40 -16.90
CA PRO A 103 6.47 -6.12 -17.05
C PRO A 103 5.67 -4.95 -16.43
N LEU A 104 4.34 -5.03 -16.46
CA LEU A 104 3.49 -3.93 -15.84
C LEU A 104 3.53 -4.08 -14.29
N ILE A 105 3.52 -5.31 -13.81
CA ILE A 105 3.66 -5.53 -12.36
C ILE A 105 4.96 -4.88 -11.89
N LYS A 106 6.07 -5.18 -12.59
CA LYS A 106 7.35 -4.68 -12.19
C LYS A 106 7.38 -3.18 -12.26
N SER A 107 6.77 -2.61 -13.31
CA SER A 107 6.76 -1.13 -13.43
C SER A 107 5.98 -0.52 -12.25
N TYR A 108 4.83 -1.11 -11.92
CA TYR A 108 4.04 -0.51 -10.82
C TYR A 108 4.77 -0.68 -9.49
N LEU A 109 5.38 -1.84 -9.31
CA LEU A 109 6.17 -2.05 -8.06
C LEU A 109 7.31 -1.00 -7.95
N PHE A 110 8.06 -0.83 -9.05
CA PHE A 110 9.15 0.12 -9.08
C PHE A 110 8.70 1.57 -8.78
N GLN A 111 7.53 1.92 -9.36
CA GLN A 111 7.05 3.32 -9.14
C GLN A 111 6.60 3.52 -7.71
N LEU A 112 5.97 2.50 -7.17
CA LEU A 112 5.46 2.60 -5.81
C LEU A 112 6.67 2.69 -4.84
N LEU A 113 7.72 1.93 -5.11
CA LEU A 113 8.93 2.00 -4.30
C LEU A 113 9.57 3.41 -4.43
N GLN A 114 9.46 4.04 -5.61
CA GLN A 114 9.94 5.43 -5.70
C GLN A 114 9.15 6.38 -4.81
N GLY A 115 7.82 6.23 -4.83
CA GLY A 115 6.91 7.02 -3.97
C GLY A 115 7.25 6.81 -2.49
N LEU A 116 7.42 5.52 -2.10
CA LEU A 116 7.72 5.26 -0.71
C LEU A 116 9.09 5.79 -0.37
N ALA A 117 10.09 5.60 -1.21
CA ALA A 117 11.44 6.20 -0.92
C ALA A 117 11.31 7.72 -0.66
N PHE A 118 10.55 8.43 -1.48
CA PHE A 118 10.35 9.86 -1.27
C PHE A 118 9.70 10.17 0.10
N CYS A 119 8.55 9.55 0.38
CA CYS A 119 7.78 9.84 1.63
C CYS A 119 8.65 9.48 2.83
N HIS A 120 9.30 8.33 2.76
CA HIS A 120 10.10 7.89 3.87
C HIS A 120 11.33 8.76 4.14
N SER A 121 11.90 9.31 3.07
CA SER A 121 12.97 10.30 3.23
C SER A 121 12.55 11.54 3.95
N HIS A 122 11.26 11.90 3.90
CA HIS A 122 10.64 13.02 4.66
C HIS A 122 9.95 12.61 5.97
N ARG A 123 10.31 11.38 6.37
CA ARG A 123 9.81 10.69 7.56
C ARG A 123 8.28 10.64 7.63
N VAL A 124 7.60 10.41 6.50
CA VAL A 124 6.17 10.29 6.47
C VAL A 124 5.90 8.83 6.14
N LEU A 125 5.01 8.20 6.91
CA LEU A 125 4.64 6.79 6.64
C LEU A 125 3.18 6.81 6.12
N HIS A 126 2.84 5.79 5.33
CA HIS A 126 1.47 5.63 4.92
C HIS A 126 0.62 4.96 6.01
N ARG A 127 1.13 3.81 6.43
CA ARG A 127 0.57 2.87 7.43
C ARG A 127 -0.63 2.05 6.99
N ASP A 128 -1.27 2.40 5.88
CA ASP A 128 -2.45 1.65 5.46
C ASP A 128 -2.52 1.38 3.93
N LEU A 129 -1.39 0.95 3.36
CA LEU A 129 -1.39 0.65 1.94
C LEU A 129 -2.27 -0.57 1.58
N LYS A 130 -3.05 -0.49 0.46
CA LYS A 130 -3.92 -1.57 0.07
C LYS A 130 -4.26 -1.24 -1.38
N PRO A 131 -4.61 -2.25 -2.17
CA PRO A 131 -4.84 -2.03 -3.61
C PRO A 131 -5.83 -0.91 -3.88
N GLN A 132 -6.81 -0.75 -3.00
CA GLN A 132 -7.83 0.31 -3.21
C GLN A 132 -7.29 1.72 -3.08
N ASN A 133 -6.15 1.87 -2.40
CA ASN A 133 -5.45 3.16 -2.21
C ASN A 133 -4.38 3.37 -3.22
N LEU A 134 -4.20 2.48 -4.23
CA LEU A 134 -3.17 2.67 -5.23
C LEU A 134 -3.94 2.98 -6.55
N LEU A 135 -3.64 4.15 -7.14
CA LEU A 135 -4.45 4.71 -8.24
C LEU A 135 -3.67 4.80 -9.54
N ILE A 136 -4.33 4.47 -10.66
CA ILE A 136 -3.60 4.32 -11.90
C ILE A 136 -4.22 5.24 -12.97
N ASN A 137 -3.41 5.52 -14.01
CA ASN A 137 -3.94 6.32 -15.10
C ASN A 137 -3.61 5.62 -16.42
N THR A 138 -4.07 6.28 -17.52
CA THR A 138 -3.84 5.65 -18.82
C THR A 138 -2.39 5.64 -19.29
N GLU A 139 -1.52 6.41 -18.67
CA GLU A 139 -0.12 6.55 -19.19
C GLU A 139 0.84 5.56 -18.57
N GLY A 140 0.28 4.69 -17.73
CA GLY A 140 1.10 3.69 -17.05
C GLY A 140 1.62 4.15 -15.71
N ALA A 141 1.14 5.26 -15.18
CA ALA A 141 1.59 5.69 -13.84
C ALA A 141 0.77 5.00 -12.76
N ILE A 142 1.36 4.88 -11.57
CA ILE A 142 0.55 4.41 -10.40
C ILE A 142 0.94 5.34 -9.27
N LYS A 143 0.00 5.67 -8.41
CA LYS A 143 0.26 6.65 -7.37
C LYS A 143 -0.29 6.20 -6.04
N LEU A 144 0.45 6.57 -5.00
CA LEU A 144 0.01 6.30 -3.62
C LEU A 144 -1.02 7.34 -3.13
N ALA A 145 -2.18 6.89 -2.62
CA ALA A 145 -3.22 7.81 -2.14
C ALA A 145 -3.41 7.68 -0.66
N ASP A 146 -3.91 8.76 -0.09
CA ASP A 146 -4.77 8.70 1.07
C ASP A 146 -4.00 8.11 2.19
N PHE A 147 -2.93 8.81 2.51
CA PHE A 147 -2.07 8.54 3.64
C PHE A 147 -2.79 8.51 4.98
N GLY A 148 -2.47 7.50 5.84
CA GLY A 148 -3.04 7.55 7.20
C GLY A 148 -2.34 8.60 8.04
N VAL A 164 -15.88 -2.87 7.21
CA VAL A 164 -14.79 -3.44 8.00
C VAL A 164 -13.42 -3.00 7.45
N VAL A 165 -12.57 -2.56 8.35
CA VAL A 165 -11.14 -2.27 8.08
C VAL A 165 -10.34 -3.52 7.61
N THR A 166 -9.74 -3.48 6.43
CA THR A 166 -9.02 -4.68 5.94
C THR A 166 -7.66 -4.85 6.61
N LEU A 167 -7.41 -6.06 7.07
CA LEU A 167 -6.16 -6.33 7.81
C LEU A 167 -5.12 -6.98 6.94
N TRP A 168 -5.44 -7.24 5.67
CA TRP A 168 -4.68 -8.24 4.86
C TRP A 168 -3.23 -7.80 4.60
N TYR A 169 -3.04 -6.47 4.70
CA TYR A 169 -1.75 -5.87 4.38
C TYR A 169 -0.94 -5.36 5.59
N ARG A 170 -1.42 -5.67 6.79
CA ARG A 170 -0.86 -5.10 8.02
C ARG A 170 0.42 -5.89 8.42
N ALA A 171 1.51 -5.14 8.73
CA ALA A 171 2.77 -5.73 9.13
C ALA A 171 2.65 -6.42 10.49
N PRO A 172 3.45 -7.47 10.68
CA PRO A 172 3.30 -8.27 11.96
C PRO A 172 3.64 -7.42 13.19
N GLU A 173 4.56 -6.44 13.06
CA GLU A 173 4.84 -5.60 14.26
C GLU A 173 3.64 -4.79 14.74
N ILE A 174 2.78 -4.41 13.80
CA ILE A 174 1.54 -3.71 14.16
C ILE A 174 0.57 -4.68 14.83
N LEU A 175 0.45 -5.87 14.24
CA LEU A 175 -0.40 -6.91 14.84
C LEU A 175 0.05 -7.38 16.24
N LEU A 176 1.34 -7.29 16.53
CA LEU A 176 1.89 -7.70 17.83
C LEU A 176 1.97 -6.57 18.84
N GLY A 177 1.50 -5.41 18.45
CA GLY A 177 1.27 -4.29 19.42
C GLY A 177 2.39 -3.30 19.58
N CYS A 178 3.33 -3.29 18.63
CA CYS A 178 4.38 -2.26 18.64
C CYS A 178 3.67 -0.91 18.39
N LYS A 179 3.91 0.09 19.26
CA LYS A 179 3.25 1.38 19.18
C LYS A 179 4.01 2.35 18.27
N TYR A 180 5.29 2.06 18.10
CA TYR A 180 6.30 3.00 17.51
C TYR A 180 6.96 2.39 16.28
N TYR A 181 6.13 1.81 15.48
CA TYR A 181 6.54 1.17 14.25
C TYR A 181 7.03 2.25 13.21
N SER A 182 7.62 1.73 12.17
CA SER A 182 8.53 2.46 11.32
C SER A 182 8.12 2.39 9.87
N THR A 183 8.92 3.04 9.04
CA THR A 183 8.69 2.95 7.56
C THR A 183 8.59 1.52 7.03
N ALA A 184 9.25 0.57 7.70
CA ALA A 184 9.11 -0.82 7.33
C ALA A 184 7.67 -1.32 7.17
N VAL A 185 6.72 -0.73 7.92
CA VAL A 185 5.33 -1.26 7.76
C VAL A 185 4.84 -1.12 6.30
N ASP A 186 5.29 -0.07 5.60
CA ASP A 186 4.81 0.17 4.21
C ASP A 186 5.46 -0.77 3.24
N ILE A 187 6.68 -1.17 3.53
CA ILE A 187 7.37 -2.16 2.68
C ILE A 187 6.67 -3.52 2.80
N TRP A 188 6.31 -3.87 4.06
CA TRP A 188 5.55 -5.11 4.24
C TRP A 188 4.20 -5.06 3.43
N SER A 189 3.43 -3.99 3.54
CA SER A 189 2.12 -3.92 2.79
C SER A 189 2.39 -4.03 1.27
N LEU A 190 3.44 -3.34 0.80
CA LEU A 190 3.70 -3.42 -0.64
C LEU A 190 4.17 -4.77 -1.13
N GLY A 191 4.90 -5.48 -0.28
CA GLY A 191 5.24 -6.86 -0.58
C GLY A 191 4.00 -7.75 -0.73
N CYS A 192 3.09 -7.60 0.20
CA CYS A 192 1.80 -8.32 0.13
C CYS A 192 0.99 -8.02 -1.16
N ILE A 193 1.06 -6.74 -1.60
CA ILE A 193 0.34 -6.36 -2.84
C ILE A 193 1.07 -6.90 -4.10
N PHE A 194 2.42 -6.87 -4.08
CA PHE A 194 3.27 -7.45 -5.15
C PHE A 194 2.89 -8.92 -5.31
N ALA A 195 2.90 -9.72 -4.22
CA ALA A 195 2.45 -11.15 -4.28
C ALA A 195 1.06 -11.38 -4.86
N GLU A 196 0.15 -10.51 -4.49
CA GLU A 196 -1.27 -10.58 -5.00
C GLU A 196 -1.33 -10.23 -6.48
N MET A 197 -0.55 -9.23 -6.95
CA MET A 197 -0.57 -8.98 -8.40
C MET A 197 -0.12 -10.18 -9.21
N VAL A 198 0.87 -10.87 -8.65
CA VAL A 198 1.51 -11.99 -9.33
C VAL A 198 0.63 -13.23 -9.30
N THR A 199 0.05 -13.56 -8.17
CA THR A 199 -0.69 -14.84 -8.05
C THR A 199 -2.16 -14.70 -8.34
N ARG A 200 -2.70 -13.46 -8.32
CA ARG A 200 -4.14 -13.21 -8.35
C ARG A 200 -4.93 -13.72 -7.19
N ARG A 201 -4.32 -13.79 -6.00
CA ARG A 201 -5.00 -14.15 -4.77
C ARG A 201 -4.28 -13.38 -3.67
N ALA A 202 -5.08 -12.84 -2.74
CA ALA A 202 -4.44 -12.15 -1.60
C ALA A 202 -3.48 -13.10 -0.88
N LEU A 203 -2.39 -12.56 -0.37
CA LEU A 203 -1.37 -13.42 0.21
C LEU A 203 -1.88 -13.90 1.62
N PHE A 204 -2.31 -12.92 2.40
CA PHE A 204 -2.72 -13.21 3.83
C PHE A 204 -4.10 -12.63 4.07
N PRO A 205 -5.18 -13.31 3.61
CA PRO A 205 -6.51 -12.69 3.76
C PRO A 205 -7.19 -12.98 5.10
N GLY A 206 -6.62 -12.43 6.14
CA GLY A 206 -7.18 -12.54 7.51
C GLY A 206 -8.52 -11.86 7.72
N ASP A 207 -9.34 -12.47 8.59
CA ASP A 207 -10.61 -11.78 8.93
C ASP A 207 -10.77 -11.40 10.38
N SER A 208 -9.67 -11.41 11.11
CA SER A 208 -9.55 -10.92 12.49
C SER A 208 -8.07 -10.75 12.72
N GLU A 209 -7.68 -10.08 13.80
CA GLU A 209 -6.28 -9.82 14.05
C GLU A 209 -5.51 -11.10 14.27
N ILE A 210 -6.15 -12.04 14.95
CA ILE A 210 -5.47 -13.28 15.21
C ILE A 210 -5.41 -14.15 14.00
N ASP A 211 -6.43 -14.16 13.16
CA ASP A 211 -6.43 -14.97 11.96
C ASP A 211 -5.35 -14.38 10.97
N GLN A 212 -5.21 -13.05 11.00
CA GLN A 212 -4.18 -12.35 10.16
C GLN A 212 -2.78 -12.76 10.62
N LEU A 213 -2.54 -12.69 11.93
CA LEU A 213 -1.23 -13.08 12.42
C LEU A 213 -0.95 -14.58 12.16
N PHE A 214 -1.98 -15.47 12.41
CA PHE A 214 -1.75 -16.86 12.18
C PHE A 214 -1.58 -17.29 10.72
N ARG A 215 -2.24 -16.57 9.80
CA ARG A 215 -2.00 -16.80 8.39
C ARG A 215 -0.54 -16.46 8.01
N ILE A 216 -0.06 -15.34 8.55
CA ILE A 216 1.37 -14.94 8.37
C ILE A 216 2.29 -16.04 8.92
N PHE A 217 2.03 -16.46 10.16
CA PHE A 217 2.91 -17.51 10.77
C PHE A 217 2.85 -18.80 10.01
N ARG A 218 1.69 -19.17 9.47
CA ARG A 218 1.53 -20.48 8.75
C ARG A 218 2.30 -20.53 7.47
N THR A 219 2.57 -19.33 6.91
CA THR A 219 3.27 -19.24 5.63
C THR A 219 4.77 -18.93 5.91
N LEU A 220 5.05 -17.96 6.76
CA LEU A 220 6.49 -17.52 6.94
C LEU A 220 7.24 -18.18 8.14
N GLY A 221 6.49 -18.96 8.92
CA GLY A 221 6.94 -19.64 10.13
C GLY A 221 6.61 -18.79 11.33
N THR A 222 6.29 -19.41 12.47
CA THR A 222 6.09 -18.60 13.67
C THR A 222 7.41 -17.92 14.01
N PRO A 223 7.39 -16.61 14.23
CA PRO A 223 8.66 -15.94 14.43
C PRO A 223 9.21 -16.23 15.82
N ASP A 224 10.53 -16.26 15.96
CA ASP A 224 11.13 -16.43 17.29
C ASP A 224 12.35 -15.49 17.46
N GLU A 225 13.12 -15.65 18.53
CA GLU A 225 14.20 -14.77 18.86
C GLU A 225 15.34 -14.86 17.87
N VAL A 226 15.40 -15.98 17.15
CA VAL A 226 16.45 -16.16 16.15
C VAL A 226 16.20 -15.21 14.96
N VAL A 227 15.02 -15.28 14.37
CA VAL A 227 14.76 -14.49 13.16
C VAL A 227 14.34 -13.07 13.49
N TRP A 228 13.81 -12.87 14.71
CA TRP A 228 13.33 -11.51 15.08
C TRP A 228 13.66 -11.25 16.57
N PRO A 229 14.85 -10.71 16.84
CA PRO A 229 15.22 -10.44 18.23
C PRO A 229 14.22 -9.44 18.82
N GLY A 230 13.74 -9.78 20.01
CA GLY A 230 12.79 -8.90 20.70
C GLY A 230 11.36 -9.33 20.51
N VAL A 231 11.07 -10.19 19.54
CA VAL A 231 9.68 -10.54 19.25
C VAL A 231 8.93 -11.04 20.50
N THR A 232 9.64 -11.81 21.34
CA THR A 232 8.87 -12.52 22.42
C THR A 232 8.53 -11.49 23.50
N SER A 233 9.08 -10.29 23.47
CA SER A 233 8.72 -9.28 24.46
C SER A 233 7.74 -8.23 23.89
N MET A 234 7.18 -8.49 22.71
CA MET A 234 6.17 -7.57 22.17
C MET A 234 4.84 -7.66 22.91
N PRO A 235 4.09 -6.55 22.93
CA PRO A 235 2.93 -6.48 23.87
C PRO A 235 1.90 -7.55 23.71
N ASP A 236 1.63 -7.96 22.47
CA ASP A 236 0.64 -8.98 22.23
C ASP A 236 1.20 -10.33 21.86
N TYR A 237 2.52 -10.51 22.05
CA TYR A 237 3.10 -11.78 21.80
C TYR A 237 2.70 -12.71 22.97
N LYS A 238 2.38 -13.94 22.62
CA LYS A 238 2.02 -14.94 23.62
C LYS A 238 2.90 -16.15 23.36
N PRO A 239 3.55 -16.70 24.42
CA PRO A 239 4.29 -17.95 24.33
C PRO A 239 3.45 -19.07 23.84
N SER A 240 2.13 -18.91 23.97
CA SER A 240 1.26 -20.02 23.65
C SER A 240 0.88 -20.00 22.16
N PHE A 241 1.42 -19.03 21.41
CA PHE A 241 1.21 -19.10 19.94
C PHE A 241 1.67 -20.45 19.40
N PRO A 242 0.91 -21.04 18.47
CA PRO A 242 1.40 -22.28 17.86
C PRO A 242 2.72 -22.04 17.14
N LYS A 243 3.61 -23.02 17.09
CA LYS A 243 4.85 -22.87 16.29
C LYS A 243 4.69 -23.61 14.97
N TRP A 244 4.52 -22.86 13.88
CA TRP A 244 4.48 -23.46 12.54
C TRP A 244 5.83 -23.27 11.80
N ALA A 245 6.19 -24.24 10.93
CA ALA A 245 7.38 -24.17 9.99
C ALA A 245 7.17 -23.18 8.84
N ARG A 246 8.25 -22.55 8.39
CA ARG A 246 8.18 -21.68 7.22
C ARG A 246 7.91 -22.53 6.01
N GLN A 247 7.15 -21.97 5.06
CA GLN A 247 6.99 -22.59 3.74
C GLN A 247 7.95 -22.00 2.75
N ASP A 248 8.15 -22.74 1.66
CA ASP A 248 9.03 -22.37 0.60
C ASP A 248 8.39 -21.29 -0.26
N PHE A 249 9.10 -20.20 -0.57
CA PHE A 249 8.56 -19.16 -1.50
C PHE A 249 8.16 -19.60 -2.88
N SER A 250 8.89 -20.59 -3.40
CA SER A 250 8.55 -21.12 -4.68
C SER A 250 7.10 -21.72 -4.61
N LYS A 251 6.65 -22.14 -3.43
CA LYS A 251 5.26 -22.60 -3.20
C LYS A 251 4.26 -21.43 -3.01
N VAL A 252 4.77 -20.31 -2.47
CA VAL A 252 3.95 -19.16 -2.09
C VAL A 252 3.59 -18.26 -3.29
N VAL A 253 4.55 -17.98 -4.18
CA VAL A 253 4.28 -17.14 -5.34
C VAL A 253 4.62 -17.64 -6.72
N PRO A 254 4.27 -18.91 -7.04
CA PRO A 254 4.62 -19.39 -8.38
C PRO A 254 3.79 -18.48 -9.35
N PRO A 255 4.28 -18.02 -10.49
CA PRO A 255 5.43 -18.47 -11.16
C PRO A 255 6.44 -17.32 -11.14
N LEU A 256 6.50 -16.59 -10.03
CA LEU A 256 7.42 -15.46 -9.92
C LEU A 256 8.85 -15.98 -10.03
N ASP A 257 9.67 -15.28 -10.81
CA ASP A 257 11.10 -15.73 -11.00
C ASP A 257 11.96 -15.51 -9.76
N GLU A 258 13.15 -16.10 -9.80
CA GLU A 258 14.07 -16.06 -8.65
C GLU A 258 14.40 -14.63 -8.18
N ASP A 259 14.56 -13.67 -9.08
CA ASP A 259 14.80 -12.29 -8.66
C ASP A 259 13.58 -11.71 -7.94
N GLY A 260 12.37 -11.93 -8.50
CA GLY A 260 11.14 -11.42 -7.83
C GLY A 260 11.01 -12.07 -6.46
N ARG A 261 11.20 -13.40 -6.38
CA ARG A 261 11.10 -14.08 -5.05
C ARG A 261 12.10 -13.57 -4.03
N SER A 262 13.35 -13.35 -4.44
CA SER A 262 14.39 -12.80 -3.55
C SER A 262 13.97 -11.43 -3.00
N LEU A 263 13.55 -10.56 -3.91
CA LEU A 263 13.05 -9.25 -3.43
C LEU A 263 11.84 -9.39 -2.49
N LEU A 264 10.86 -10.24 -2.83
CA LEU A 264 9.66 -10.38 -2.01
C LEU A 264 10.10 -10.88 -0.61
N SER A 265 11.07 -11.81 -0.63
CA SER A 265 11.54 -12.31 0.68
C SER A 265 12.14 -11.23 1.52
N GLN A 266 12.86 -10.30 0.92
CA GLN A 266 13.40 -9.19 1.72
C GLN A 266 12.33 -8.12 2.14
N MET A 267 11.21 -8.05 1.42
CA MET A 267 10.17 -7.10 1.82
C MET A 267 9.29 -7.73 2.94
N LEU A 268 9.38 -9.04 3.07
CA LEU A 268 8.59 -9.76 4.06
C LEU A 268 9.44 -10.29 5.21
N HIS A 269 10.64 -9.79 5.41
CA HIS A 269 11.33 -10.22 6.66
C HIS A 269 10.53 -9.80 7.91
N TYR A 270 10.48 -10.73 8.87
CA TYR A 270 9.78 -10.40 10.15
C TYR A 270 10.43 -9.19 10.84
N ASP A 271 11.77 -9.18 11.04
CA ASP A 271 12.37 -8.11 11.83
C ASP A 271 12.32 -6.81 11.03
N PRO A 272 11.69 -5.75 11.56
CA PRO A 272 11.55 -4.51 10.73
C PRO A 272 12.89 -3.92 10.39
N ASN A 273 13.87 -4.15 11.26
CA ASN A 273 15.26 -3.77 10.98
C ASN A 273 15.98 -4.57 9.89
N LYS A 274 15.55 -5.76 9.57
CA LYS A 274 16.21 -6.53 8.48
C LYS A 274 15.43 -6.29 7.19
N ARG A 275 14.16 -5.90 7.34
CA ARG A 275 13.29 -5.66 6.13
C ARG A 275 13.95 -4.60 5.21
N ILE A 276 13.89 -4.87 3.90
CA ILE A 276 14.57 -4.00 2.92
C ILE A 276 13.94 -2.62 2.96
N SER A 277 14.75 -1.57 2.81
CA SER A 277 14.17 -0.25 2.63
C SER A 277 13.70 -0.01 1.19
N ALA A 278 12.90 1.03 0.95
CA ALA A 278 12.40 1.32 -0.42
C ALA A 278 13.58 1.65 -1.32
N LYS A 279 14.50 2.46 -0.78
CA LYS A 279 15.73 2.83 -1.51
C LYS A 279 16.58 1.66 -1.92
N ALA A 280 16.81 0.71 -1.01
CA ALA A 280 17.57 -0.45 -1.36
C ALA A 280 16.80 -1.38 -2.31
N ALA A 281 15.46 -1.39 -2.18
CA ALA A 281 14.70 -2.27 -3.05
C ALA A 281 14.85 -1.78 -4.51
N LEU A 282 14.95 -0.46 -4.68
CA LEU A 282 15.02 0.11 -6.03
C LEU A 282 16.31 -0.38 -6.76
N ALA A 283 17.31 -0.72 -5.99
CA ALA A 283 18.54 -1.25 -6.57
C ALA A 283 18.59 -2.75 -6.73
N HIS A 284 17.53 -3.46 -6.34
CA HIS A 284 17.52 -4.93 -6.39
C HIS A 284 17.65 -5.41 -7.86
N PRO A 285 18.39 -6.50 -8.10
CA PRO A 285 18.44 -7.04 -9.50
C PRO A 285 17.10 -7.28 -10.26
N PHE A 286 16.02 -7.51 -9.54
CA PHE A 286 14.69 -7.61 -10.19
C PHE A 286 14.37 -6.43 -11.10
N PHE A 287 14.93 -5.26 -10.83
CA PHE A 287 14.58 -4.08 -11.60
C PHE A 287 15.57 -3.78 -12.72
N GLN A 288 16.52 -4.68 -12.94
CA GLN A 288 17.52 -4.44 -14.02
C GLN A 288 16.85 -4.23 -15.39
N ASP A 289 15.72 -4.86 -15.63
CA ASP A 289 15.06 -4.71 -16.95
C ASP A 289 13.74 -3.98 -16.89
N VAL A 290 13.55 -3.20 -15.83
CA VAL A 290 12.25 -2.49 -15.70
C VAL A 290 12.00 -1.57 -16.90
N THR A 291 10.72 -1.41 -17.22
CA THR A 291 10.25 -0.58 -18.34
C THR A 291 8.95 0.01 -17.86
N LYS A 292 8.30 0.87 -18.68
CA LYS A 292 7.02 1.50 -18.31
C LYS A 292 5.97 1.15 -19.40
N PRO A 293 5.28 0.01 -19.28
CA PRO A 293 4.26 -0.35 -20.23
C PRO A 293 2.98 0.49 -20.02
N VAL A 294 2.20 0.60 -21.11
CA VAL A 294 0.84 1.17 -21.05
C VAL A 294 -0.15 0.05 -20.66
N PRO A 295 -0.98 0.26 -19.61
CA PRO A 295 -2.02 -0.77 -19.29
C PRO A 295 -3.21 -0.68 -20.25
N HIS A 296 -3.99 -1.75 -20.34
CA HIS A 296 -5.24 -1.72 -21.12
C HIS A 296 -6.32 -1.25 -20.14
N LEU A 297 -6.70 0.05 -20.15
CA LEU A 297 -7.73 0.55 -19.17
C LEU A 297 -9.04 0.79 -19.86
N ARG A 298 -10.09 0.19 -19.33
CA ARG A 298 -11.40 0.35 -19.87
C ARG A 298 -12.11 1.26 -18.87
N LEU A 299 -12.31 2.52 -19.24
CA LEU A 299 -12.95 3.50 -18.34
C LEU A 299 -14.40 3.72 -18.70
N1 AJR B . -10.48 6.62 -6.06
N3 AJR B . -8.84 9.70 -7.29
C4 AJR B . -10.33 6.92 -4.76
C5 AJR B . -8.39 10.55 -6.35
C6 AJR B . -8.26 10.74 -3.88
C7 AJR B . -7.07 10.02 -3.22
C8 AJR B . -9.36 10.89 -2.86
C10 AJR B . -10.52 6.26 -2.36
C13 AJR B . -10.55 5.85 -8.73
C15 AJR B . -12.56 6.55 -10.05
C17 AJR B . -14.77 5.67 -9.64
C20 AJR B . -16.62 5.78 -11.22
O2 AJR B . -11.66 3.13 -5.28
C12 AJR B . -10.89 3.78 -4.29
C9 AJR B . -11.76 5.01 -4.17
N5 AJR B . -10.83 6.05 -3.78
C11 AJR B . -9.05 5.99 -2.07
O1 AJR B . -8.85 6.16 -0.65
C1 AJR B . -10.03 7.49 -7.00
C2 AJR B . -9.43 8.69 -6.60
N4 AJR B . -8.69 10.08 -5.12
C3 AJR B . -9.28 8.92 -5.26
N2 AJR B . -9.75 8.05 -4.32
N6 AJR B . -10.09 7.19 -8.25
C14 AJR B . -12.03 5.78 -9.03
C19 AJR B . -12.89 4.97 -8.31
C18 AJR B . -14.24 4.88 -8.63
O3 AJR B . -16.12 5.58 -9.89
C16 AJR B . -13.91 6.51 -10.37
H1 AJR B . -7.90 11.48 -6.52
H2 AJR B . -7.92 11.74 -4.13
H3 AJR B . -7.39 9.09 -2.85
H4 AJR B . -6.70 10.62 -2.43
H5 AJR B . -6.31 9.88 -3.94
H7 AJR B . -9.84 9.97 -2.67
H8 AJR B . -10.07 11.59 -3.21
H6 AJR B . -8.95 11.25 -1.96
H11 AJR B . -10.77 7.29 -2.07
H12 AJR B . -11.12 5.61 -1.75
H21 AJR B . -10.28 5.07 -8.01
H20 AJR B . -10.01 5.63 -9.64
H22 AJR B . -11.90 7.20 -10.61
H26 AJR B . -17.60 5.40 -11.29
H27 AJR B . -16.00 5.28 -11.92
H28 AJR B . -16.62 6.81 -11.44
H18 AJR B . -11.60 2.18 -5.15
H17 AJR B . -10.85 3.21 -3.35
H16 AJR B . -9.89 4.01 -4.65
H10 AJR B . -12.27 5.25 -5.10
H9 AJR B . -12.51 4.85 -3.39
H13 AJR B . -8.80 4.96 -2.35
H14 AJR B . -8.39 6.66 -2.61
H15 AJR B . -9.06 7.08 -0.41
H19 AJR B . -9.80 7.86 -8.95
H25 AJR B . -12.49 4.35 -7.51
H24 AJR B . -14.89 4.25 -8.05
H23 AJR B . -14.28 7.14 -11.18
#